data_5BNC
#
_entry.id   5BNC
#
_cell.length_a   62.100
_cell.length_b   62.100
_cell.length_c   301.406
_cell.angle_alpha   90.000
_cell.angle_beta   90.000
_cell.angle_gamma   120.000
#
_symmetry.space_group_name_H-M   'P 61'
#
loop_
_entity.id
_entity.type
_entity.pdbx_description
1 polymer 'heme binding protein MSMEG_6519'
2 non-polymer 'NICKEL (II) ION'
3 non-polymer '4-(2-HYDROXYETHYL)-1-PIPERAZINE ETHANESULFONIC ACID'
4 non-polymer 'SULFATE ION'
5 non-polymer 'MAGNESIUM ION'
6 water water
#
_entity_poly.entity_id   1
_entity_poly.type   'polypeptide(L)'
_entity_poly.pdbx_seq_one_letter_code
;VPPPLTPVADVVRPSAAEEARTIAASTNVGTLATLTTEGDPWASFVTYGLLGGAPVLCVSDMAEHGRNLAHDPRASIAIV
APSAESDPLASARVTLAGVAERPEGDELAAARAAHLDAVAAAKYYIDYSDFSVWVLRVQRVRWVGGYGRMDSTTGEAYAA
AEADPVTPRAAGAIAHLNADHADSLLAMARNLGGYPDTGEAVCTGADRYGLDLRVTTERGVAYTRVGYAAPISSFDQLRA
ATVELAQRAKQS
;
_entity_poly.pdbx_strand_id   A,B
#
loop_
_chem_comp.id
_chem_comp.type
_chem_comp.name
_chem_comp.formula
EPE non-polymer '4-(2-HYDROXYETHYL)-1-PIPERAZINE ETHANESULFONIC ACID' 'C8 H18 N2 O4 S'
MG non-polymer 'MAGNESIUM ION' 'Mg 2'
NI non-polymer 'NICKEL (II) ION' 'Ni 2'
SO4 non-polymer 'SULFATE ION' 'O4 S -2'
#
# COMPACT_ATOMS: atom_id res chain seq x y z
N VAL A 1 -1.19 2.56 -32.00
CA VAL A 1 -2.63 2.55 -31.52
C VAL A 1 -3.50 3.17 -32.59
N PRO A 2 -4.47 2.42 -33.12
CA PRO A 2 -5.29 3.00 -34.18
C PRO A 2 -6.05 4.29 -33.80
N PRO A 3 -6.05 5.26 -34.71
CA PRO A 3 -6.69 6.52 -34.41
C PRO A 3 -8.17 6.43 -34.52
N PRO A 4 -8.87 7.40 -33.93
CA PRO A 4 -10.28 7.53 -34.27
C PRO A 4 -10.53 7.66 -35.79
N LEU A 5 -11.60 7.09 -36.30
CA LEU A 5 -11.99 7.30 -37.70
C LEU A 5 -12.59 8.68 -37.91
N THR A 6 -13.23 9.22 -36.87
CA THR A 6 -13.93 10.52 -36.94
C THR A 6 -13.50 11.43 -35.82
N PRO A 7 -13.63 12.74 -36.01
CA PRO A 7 -13.30 13.65 -34.92
C PRO A 7 -14.33 13.60 -33.82
N VAL A 8 -13.83 13.66 -32.58
CA VAL A 8 -14.68 13.91 -31.42
C VAL A 8 -14.33 15.25 -30.73
N ALA A 9 -15.35 15.93 -30.27
CA ALA A 9 -15.14 17.14 -29.48
C ALA A 9 -14.39 16.71 -28.21
N ASP A 10 -13.22 17.31 -27.95
CA ASP A 10 -12.45 17.12 -26.69
C ASP A 10 -13.37 17.00 -25.46
N VAL A 11 -13.07 16.03 -24.65
CA VAL A 11 -13.88 15.86 -23.47
C VAL A 11 -13.06 16.32 -22.25
N VAL A 12 -13.70 17.05 -21.38
CA VAL A 12 -13.06 17.48 -20.15
C VAL A 12 -12.52 16.27 -19.36
N ARG A 13 -11.34 16.46 -18.82
CA ARG A 13 -10.63 15.39 -18.22
C ARG A 13 -10.27 15.97 -16.86
N PRO A 14 -10.27 15.15 -15.81
CA PRO A 14 -9.80 15.73 -14.55
C PRO A 14 -8.38 16.28 -14.70
N SER A 15 -8.06 17.38 -14.01
CA SER A 15 -6.72 17.96 -14.04
C SER A 15 -5.79 17.15 -13.15
N ALA A 16 -4.46 17.36 -13.26
CA ALA A 16 -3.54 16.66 -12.32
C ALA A 16 -3.91 16.97 -10.87
N ALA A 17 -4.32 18.21 -10.61
CA ALA A 17 -4.67 18.55 -9.23
C ALA A 17 -5.85 17.72 -8.76
N GLU A 18 -6.85 17.62 -9.62
CA GLU A 18 -8.02 16.82 -9.32
C GLU A 18 -7.67 15.33 -9.13
N GLU A 19 -6.81 14.80 -10.01
CA GLU A 19 -6.37 13.40 -9.84
C GLU A 19 -5.73 13.20 -8.48
N ALA A 20 -4.83 14.11 -8.13
CA ALA A 20 -4.12 14.06 -6.84
C ALA A 20 -5.07 14.05 -5.67
N ARG A 21 -6.04 14.96 -5.70
CA ARG A 21 -7.08 15.03 -4.68
C ARG A 21 -7.90 13.78 -4.62
N THR A 22 -8.14 13.17 -5.79
CA THR A 22 -8.93 11.97 -5.85
C THR A 22 -8.18 10.75 -5.26
N ILE A 23 -6.90 10.62 -5.57
CA ILE A 23 -6.07 9.56 -4.98
C ILE A 23 -6.04 9.69 -3.45
N ALA A 24 -5.85 10.92 -2.98
CA ALA A 24 -5.83 11.19 -1.54
C ALA A 24 -7.09 10.72 -0.88
N ALA A 25 -8.21 11.03 -1.52
CA ALA A 25 -9.50 10.67 -0.94
C ALA A 25 -9.85 9.22 -1.12
N SER A 26 -9.11 8.47 -1.92
CA SER A 26 -9.46 7.07 -2.14
CA SER A 26 -9.44 7.05 -2.15
C SER A 26 -9.05 6.11 -0.99
N THR A 27 -8.33 6.58 0.00
CA THR A 27 -7.88 5.68 1.06
C THR A 27 -7.51 6.44 2.31
N ASN A 28 -7.13 5.73 3.36
CA ASN A 28 -6.74 6.36 4.61
C ASN A 28 -5.38 5.90 5.13
N VAL A 29 -4.58 5.32 4.21
CA VAL A 29 -3.23 4.90 4.53
C VAL A 29 -2.25 5.43 3.53
N GLY A 30 -1.09 5.83 4.03
CA GLY A 30 0.02 6.12 3.17
C GLY A 30 1.28 6.01 3.93
N THR A 31 2.35 6.54 3.35
CA THR A 31 3.64 6.52 3.99
C THR A 31 4.22 7.93 4.07
N LEU A 32 4.54 8.35 5.27
CA LEU A 32 5.12 9.68 5.49
C LEU A 32 6.62 9.63 5.34
N ALA A 33 7.18 10.70 4.79
CA ALA A 33 8.64 10.86 4.79
C ALA A 33 8.93 12.04 5.67
N THR A 34 9.79 11.81 6.64
CA THR A 34 10.25 12.87 7.54
C THR A 34 11.77 12.78 7.67
N LEU A 35 12.33 13.75 8.37
CA LEU A 35 13.77 13.85 8.62
C LEU A 35 14.05 13.40 10.04
N THR A 36 14.99 12.49 10.24
CA THR A 36 15.42 12.19 11.59
C THR A 36 16.20 13.41 12.10
N THR A 37 16.52 13.40 13.38
CA THR A 37 17.08 14.56 14.01
C THR A 37 18.53 14.66 13.58
N GLU A 38 19.07 13.62 12.92
CA GLU A 38 20.37 13.69 12.19
C GLU A 38 20.29 13.83 10.66
N GLY A 39 19.12 14.24 10.16
CA GLY A 39 18.92 14.55 8.76
C GLY A 39 18.75 13.35 7.81
N ASP A 40 18.57 12.14 8.32
CA ASP A 40 18.29 10.97 7.45
C ASP A 40 16.83 10.96 7.00
N PRO A 41 16.55 10.48 5.80
CA PRO A 41 15.16 10.40 5.35
C PRO A 41 14.47 9.15 5.98
N TRP A 42 13.37 9.38 6.69
CA TRP A 42 12.65 8.33 7.47
C TRP A 42 11.25 8.06 6.91
N ALA A 43 11.01 6.85 6.42
CA ALA A 43 9.70 6.45 5.87
C ALA A 43 8.87 5.80 6.96
N SER A 44 7.65 6.30 7.18
CA SER A 44 6.70 5.71 8.16
C SER A 44 5.31 5.44 7.58
N PHE A 45 4.78 4.27 7.84
CA PHE A 45 3.40 3.99 7.59
C PHE A 45 2.55 4.94 8.46
N VAL A 46 1.53 5.56 7.87
CA VAL A 46 0.58 6.40 8.61
C VAL A 46 -0.84 6.24 8.11
N THR A 47 -1.78 6.54 8.99
CA THR A 47 -3.18 6.69 8.63
C THR A 47 -3.55 8.18 8.58
N TYR A 48 -4.61 8.54 7.86
CA TYR A 48 -4.96 9.97 7.73
C TYR A 48 -6.38 10.17 7.31
N GLY A 49 -6.92 11.33 7.66
CA GLY A 49 -8.15 11.85 7.06
C GLY A 49 -7.79 13.10 6.28
N LEU A 50 -8.78 13.71 5.64
CA LEU A 50 -8.52 14.94 4.89
C LEU A 50 -9.31 16.14 5.45
N LEU A 51 -8.65 17.28 5.52
CA LEU A 51 -9.30 18.53 5.74
C LEU A 51 -9.08 19.39 4.51
N GLY A 52 -10.10 19.40 3.67
CA GLY A 52 -10.02 20.11 2.39
C GLY A 52 -8.79 19.74 1.60
N GLY A 53 -8.56 18.44 1.44
CA GLY A 53 -7.41 18.00 0.67
C GLY A 53 -6.15 17.75 1.47
N ALA A 54 -6.11 18.25 2.69
CA ALA A 54 -4.90 18.21 3.52
C ALA A 54 -4.85 16.98 4.41
N PRO A 55 -3.81 16.15 4.26
CA PRO A 55 -3.74 15.05 5.20
C PRO A 55 -3.69 15.50 6.68
N VAL A 56 -4.51 14.83 7.48
CA VAL A 56 -4.57 15.04 8.87
C VAL A 56 -4.03 13.75 9.50
N LEU A 57 -2.92 13.87 10.22
CA LEU A 57 -2.34 12.73 10.92
C LEU A 57 -2.62 12.85 12.40
N CYS A 58 -2.68 11.71 13.08
CA CYS A 58 -2.71 11.67 14.54
C CYS A 58 -1.50 10.85 14.96
N VAL A 59 -0.49 11.51 15.50
CA VAL A 59 0.81 10.86 15.72
C VAL A 59 1.18 10.86 17.19
N SER A 60 1.63 9.72 17.70
CA SER A 60 2.23 9.67 19.02
C SER A 60 3.45 10.58 19.14
N ASP A 61 3.46 11.47 20.13
CA ASP A 61 4.62 12.32 20.48
C ASP A 61 5.89 11.51 20.78
N MET A 62 5.79 10.24 21.11
CA MET A 62 6.99 9.38 21.22
C MET A 62 7.30 8.48 20.03
N ALA A 63 6.47 8.51 18.98
CA ALA A 63 6.81 7.79 17.76
C ALA A 63 8.00 8.47 17.07
N GLU A 64 8.83 7.72 16.34
CA GLU A 64 9.92 8.38 15.63
C GLU A 64 9.43 9.57 14.75
N HIS A 65 8.35 9.38 13.99
CA HIS A 65 7.91 10.47 13.09
C HIS A 65 7.28 11.66 13.82
N GLY A 66 6.76 11.43 15.02
CA GLY A 66 6.28 12.56 15.83
C GLY A 66 7.42 13.44 16.30
N ARG A 67 8.51 12.77 16.72
CA ARG A 67 9.72 13.48 17.14
CA ARG A 67 9.71 13.46 17.16
C ARG A 67 10.35 14.15 15.94
N ASN A 68 10.32 13.50 14.77
CA ASN A 68 10.87 14.16 13.56
C ASN A 68 10.10 15.44 13.21
N LEU A 69 8.78 15.38 13.22
CA LEU A 69 7.99 16.54 12.86
C LEU A 69 8.19 17.70 13.84
N ALA A 70 8.28 17.36 15.13
CA ALA A 70 8.42 18.37 16.17
C ALA A 70 9.69 19.11 15.97
N HIS A 71 10.69 18.42 15.43
CA HIS A 71 11.98 19.02 15.25
C HIS A 71 12.02 19.81 13.94
N ASP A 72 11.58 19.19 12.85
CA ASP A 72 11.60 19.81 11.55
C ASP A 72 10.32 19.40 10.84
N PRO A 73 9.42 20.38 10.65
CA PRO A 73 8.09 20.00 10.23
C PRO A 73 7.95 19.71 8.73
N ARG A 74 9.02 19.76 7.96
CA ARG A 74 8.97 19.29 6.56
C ARG A 74 8.58 17.82 6.50
N ALA A 75 7.60 17.53 5.68
CA ALA A 75 7.12 16.18 5.49
C ALA A 75 6.55 16.03 4.07
N SER A 76 6.56 14.80 3.56
CA SER A 76 5.76 14.48 2.39
C SER A 76 5.08 13.12 2.63
N ILE A 77 4.01 12.84 1.89
CA ILE A 77 3.32 11.57 2.02
C ILE A 77 3.05 11.01 0.61
N ALA A 78 3.32 9.70 0.43
CA ALA A 78 2.99 9.03 -0.80
C ALA A 78 1.72 8.23 -0.54
N ILE A 79 0.81 8.31 -1.50
CA ILE A 79 -0.51 7.71 -1.38
C ILE A 79 -0.76 6.95 -2.68
N VAL A 80 -1.27 5.74 -2.57
CA VAL A 80 -1.48 4.83 -3.68
C VAL A 80 -2.96 4.44 -3.63
N ALA A 81 -3.67 4.69 -4.71
CA ALA A 81 -5.10 4.39 -4.84
C ALA A 81 -5.28 2.89 -4.83
N PRO A 82 -6.22 2.39 -4.04
CA PRO A 82 -6.55 0.94 -4.20
C PRO A 82 -6.85 0.53 -5.63
N SER A 83 -6.32 -0.60 -6.05
CA SER A 83 -6.37 -1.01 -7.44
C SER A 83 -6.99 -2.40 -7.57
N ALA A 84 -7.64 -2.65 -8.71
CA ALA A 84 -8.03 -4.01 -9.15
C ALA A 84 -6.81 -4.69 -9.77
N GLU A 85 -6.16 -4.00 -10.71
CA GLU A 85 -4.95 -4.45 -11.40
C GLU A 85 -3.90 -4.99 -10.47
N SER A 86 -3.33 -6.11 -10.86
CA SER A 86 -2.28 -6.74 -10.10
C SER A 86 -0.91 -6.28 -10.55
N ASP A 87 -0.83 -5.46 -11.60
CA ASP A 87 0.45 -4.89 -12.01
C ASP A 87 0.65 -3.58 -11.24
N PRO A 88 1.56 -3.57 -10.25
CA PRO A 88 1.74 -2.40 -9.39
C PRO A 88 2.09 -1.13 -10.18
N LEU A 89 2.78 -1.27 -11.29
CA LEU A 89 3.19 -0.12 -12.08
C LEU A 89 2.03 0.59 -12.70
N ALA A 90 0.89 -0.10 -12.78
CA ALA A 90 -0.37 0.50 -13.26
C ALA A 90 -1.06 1.34 -12.19
N SER A 91 -0.59 1.24 -10.95
CA SER A 91 -1.15 1.99 -9.86
C SER A 91 -1.18 3.49 -10.12
N ALA A 92 -2.22 4.15 -9.66
CA ALA A 92 -2.23 5.61 -9.54
C ALA A 92 -1.68 6.03 -8.16
N ARG A 93 -0.69 6.94 -8.13
CA ARG A 93 -0.03 7.39 -6.88
C ARG A 93 0.26 8.86 -6.92
N VAL A 94 0.53 9.38 -5.71
CA VAL A 94 0.83 10.76 -5.56
C VAL A 94 1.76 11.00 -4.36
N THR A 95 2.68 11.96 -4.51
CA THR A 95 3.39 12.54 -3.36
C THR A 95 2.84 13.97 -3.10
N LEU A 96 2.37 14.19 -1.89
CA LEU A 96 2.01 15.47 -1.42
C LEU A 96 3.11 15.92 -0.48
N ALA A 97 3.70 17.07 -0.76
CA ALA A 97 4.89 17.53 -0.05
C ALA A 97 4.68 18.93 0.50
N GLY A 98 5.12 19.13 1.75
CA GLY A 98 5.17 20.45 2.33
C GLY A 98 5.66 20.47 3.75
N VAL A 99 4.79 20.97 4.62
CA VAL A 99 5.15 21.36 5.98
C VAL A 99 3.96 21.03 6.88
N ALA A 100 4.18 20.23 7.92
CA ALA A 100 3.11 19.84 8.85
C ALA A 100 3.03 20.80 10.03
N GLU A 101 1.83 21.03 10.54
CA GLU A 101 1.60 22.01 11.55
C GLU A 101 0.52 21.47 12.44
N ARG A 102 0.65 21.70 13.73
CA ARG A 102 -0.35 21.32 14.68
C ARG A 102 -1.39 22.43 14.68
N PRO A 103 -2.63 22.15 14.26
CA PRO A 103 -3.64 23.22 14.25
C PRO A 103 -4.23 23.54 15.62
N GLU A 104 -4.93 24.65 15.71
CA GLU A 104 -5.52 25.12 16.95
C GLU A 104 -6.96 25.53 16.72
N GLY A 105 -7.72 25.54 17.81
CA GLY A 105 -9.03 26.12 17.83
C GLY A 105 -10.02 25.45 16.91
N ASP A 106 -10.65 26.23 16.06
CA ASP A 106 -11.67 25.70 15.15
C ASP A 106 -11.08 24.68 14.18
N GLU A 107 -9.89 24.97 13.64
CA GLU A 107 -9.26 24.09 12.69
C GLU A 107 -8.90 22.75 13.33
N LEU A 108 -8.41 22.79 14.55
CA LEU A 108 -8.08 21.57 15.29
C LEU A 108 -9.30 20.71 15.45
N ALA A 109 -10.42 21.31 15.81
CA ALA A 109 -11.63 20.53 16.00
C ALA A 109 -12.11 19.88 14.68
N ALA A 110 -11.97 20.60 13.57
CA ALA A 110 -12.36 20.09 12.28
C ALA A 110 -11.36 19.04 11.77
N ALA A 111 -10.07 19.26 12.00
CA ALA A 111 -9.06 18.26 11.69
C ALA A 111 -9.34 16.97 12.43
N ARG A 112 -9.56 17.10 13.73
CA ARG A 112 -9.82 15.96 14.61
C ARG A 112 -11.01 15.14 14.09
N ALA A 113 -12.07 15.83 13.68
CA ALA A 113 -13.27 15.14 13.23
C ALA A 113 -13.00 14.38 11.94
N ALA A 114 -12.29 15.05 11.05
CA ALA A 114 -11.96 14.50 9.75
C ALA A 114 -11.10 13.25 9.88
N HIS A 115 -10.15 13.28 10.80
CA HIS A 115 -9.31 12.12 11.04
C HIS A 115 -10.12 10.99 11.63
N LEU A 116 -10.90 11.30 12.66
CA LEU A 116 -11.81 10.33 13.25
C LEU A 116 -12.76 9.66 12.29
N ASP A 117 -13.28 10.42 11.32
CA ASP A 117 -14.25 9.90 10.35
C ASP A 117 -13.63 8.92 9.40
N ALA A 118 -12.34 9.14 9.15
CA ALA A 118 -11.62 8.34 8.20
C ALA A 118 -10.93 7.14 8.83
N VAL A 119 -10.68 7.17 10.14
CA VAL A 119 -9.94 6.11 10.84
C VAL A 119 -10.63 5.78 12.17
N ALA A 120 -11.43 4.74 12.13
CA ALA A 120 -12.31 4.40 13.22
C ALA A 120 -11.52 4.20 14.52
N ALA A 121 -10.39 3.51 14.44
CA ALA A 121 -9.65 3.18 15.65
C ALA A 121 -8.95 4.37 16.31
N ALA A 122 -8.84 5.50 15.61
CA ALA A 122 -8.21 6.68 16.17
C ALA A 122 -9.04 7.26 17.35
N LYS A 123 -10.31 6.88 17.37
CA LYS A 123 -11.20 6.95 18.53
C LYS A 123 -10.42 6.80 19.83
N TYR A 124 -9.56 5.79 19.92
CA TYR A 124 -8.91 5.45 21.19
C TYR A 124 -7.59 6.22 21.51
N TYR A 125 -7.15 7.10 20.61
CA TYR A 125 -5.90 7.85 20.74
C TYR A 125 -5.99 9.41 20.70
N ILE A 126 -6.95 9.94 19.98
CA ILE A 126 -6.80 11.31 19.52
C ILE A 126 -7.01 12.37 20.63
N ASP A 127 -7.71 12.02 21.70
CA ASP A 127 -7.94 13.01 22.74
C ASP A 127 -6.90 13.01 23.84
N TYR A 128 -5.91 12.11 23.75
CA TYR A 128 -4.88 12.02 24.77
C TYR A 128 -3.74 12.91 24.41
N SER A 129 -3.16 13.55 25.42
CA SER A 129 -2.11 14.53 25.21
C SER A 129 -0.81 13.93 24.63
N ASP A 130 -0.66 12.61 24.74
CA ASP A 130 0.50 11.93 24.15
C ASP A 130 0.47 11.92 22.63
N PHE A 131 -0.67 12.25 22.05
CA PHE A 131 -0.87 12.16 20.59
C PHE A 131 -1.21 13.52 20.07
N SER A 132 -0.61 13.90 18.96
CA SER A 132 -0.83 15.22 18.38
C SER A 132 -1.50 15.07 17.02
N VAL A 133 -2.31 16.07 16.69
CA VAL A 133 -2.91 16.17 15.41
C VAL A 133 -2.04 17.08 14.57
N TRP A 134 -1.63 16.58 13.41
CA TRP A 134 -0.85 17.36 12.47
C TRP A 134 -1.63 17.46 11.16
N VAL A 135 -1.50 18.58 10.47
CA VAL A 135 -2.16 18.82 9.20
C VAL A 135 -1.04 19.15 8.27
N LEU A 136 -0.97 18.45 7.13
CA LEU A 136 0.10 18.69 6.19
C LEU A 136 -0.30 19.84 5.26
N ARG A 137 0.41 20.95 5.36
CA ARG A 137 0.22 22.08 4.42
C ARG A 137 0.92 21.74 3.12
N VAL A 138 0.14 21.42 2.09
CA VAL A 138 0.68 20.88 0.82
C VAL A 138 1.20 22.02 -0.03
N GLN A 139 2.47 21.97 -0.40
CA GLN A 139 3.14 23.01 -1.20
C GLN A 139 3.45 22.61 -2.61
N ARG A 140 3.63 21.31 -2.83
CA ARG A 140 3.78 20.79 -4.15
C ARG A 140 3.36 19.33 -4.20
N VAL A 141 3.14 18.88 -5.42
CA VAL A 141 2.49 17.63 -5.73
C VAL A 141 3.18 17.01 -6.92
N ARG A 142 3.43 15.70 -6.85
CA ARG A 142 3.86 14.92 -8.01
C ARG A 142 2.84 13.79 -8.18
N TRP A 143 2.20 13.72 -9.36
CA TRP A 143 1.21 12.68 -9.64
C TRP A 143 1.67 11.78 -10.76
N VAL A 144 1.56 10.47 -10.53
CA VAL A 144 1.81 9.44 -11.54
C VAL A 144 0.58 8.58 -11.67
N GLY A 145 -0.16 8.80 -12.75
CA GLY A 145 -1.36 8.03 -13.06
C GLY A 145 -1.03 6.76 -13.84
N GLY A 146 -0.48 5.77 -13.15
CA GLY A 146 -0.23 4.49 -13.77
C GLY A 146 0.77 4.56 -14.88
N TYR A 147 0.51 3.79 -15.94
CA TYR A 147 1.32 3.89 -17.13
C TYR A 147 1.01 5.20 -17.86
N GLY A 148 -0.16 5.79 -17.59
CA GLY A 148 -0.61 7.01 -18.28
C GLY A 148 0.15 8.32 -18.04
N ARG A 149 -0.59 9.38 -17.77
CA ARG A 149 0.06 10.67 -17.63
C ARG A 149 0.83 10.77 -16.27
N MET A 150 1.78 11.68 -16.21
CA MET A 150 2.34 12.14 -14.95
C MET A 150 2.50 13.64 -15.02
N ASP A 151 2.50 14.28 -13.87
CA ASP A 151 2.62 15.72 -13.84
C ASP A 151 2.85 16.21 -12.41
N SER A 152 3.27 17.48 -12.30
CA SER A 152 3.45 18.15 -11.04
C SER A 152 2.39 19.21 -10.94
N THR A 153 2.02 19.61 -9.72
CA THR A 153 1.18 20.78 -9.55
C THR A 153 1.64 21.53 -8.33
N THR A 154 1.15 22.76 -8.20
CA THR A 154 1.43 23.61 -7.08
C THR A 154 0.48 23.19 -5.98
N GLY A 155 0.81 23.58 -4.75
CA GLY A 155 -0.10 23.39 -3.64
C GLY A 155 -1.39 24.21 -3.76
N GLU A 156 -1.32 25.40 -4.33
CA GLU A 156 -2.54 26.18 -4.47
C GLU A 156 -3.49 25.49 -5.47
N ALA A 157 -2.99 25.05 -6.62
CA ALA A 157 -3.80 24.30 -7.54
C ALA A 157 -4.43 23.10 -6.85
N TYR A 158 -3.63 22.42 -6.03
CA TYR A 158 -4.11 21.24 -5.32
C TYR A 158 -5.23 21.59 -4.36
N ALA A 159 -5.03 22.66 -3.58
CA ALA A 159 -6.07 23.16 -2.65
C ALA A 159 -7.34 23.65 -3.34
N ALA A 160 -7.17 24.24 -4.53
CA ALA A 160 -8.30 24.75 -5.31
C ALA A 160 -9.15 23.62 -5.91
N ALA A 161 -8.53 22.47 -6.25
CA ALA A 161 -9.22 21.36 -6.90
C ALA A 161 -10.12 20.63 -5.94
N GLU A 162 -10.95 19.74 -6.47
CA GLU A 162 -11.77 18.85 -5.66
C GLU A 162 -11.52 17.41 -6.00
N ALA A 163 -11.68 16.53 -5.01
CA ALA A 163 -11.66 15.12 -5.27
C ALA A 163 -12.89 14.76 -6.10
N ASP A 164 -12.71 13.81 -7.02
CA ASP A 164 -13.80 13.36 -7.82
C ASP A 164 -14.78 12.57 -6.95
N PRO A 165 -16.08 12.93 -6.96
CA PRO A 165 -17.03 12.19 -6.10
C PRO A 165 -17.43 10.86 -6.67
N VAL A 166 -17.09 10.65 -7.92
CA VAL A 166 -17.44 9.40 -8.52
C VAL A 166 -16.33 8.36 -8.44
N THR A 167 -15.13 8.72 -8.88
CA THR A 167 -14.10 7.74 -9.11
C THR A 167 -13.90 6.80 -7.91
N PRO A 168 -13.65 7.32 -6.68
CA PRO A 168 -13.38 6.39 -5.56
C PRO A 168 -14.43 5.35 -5.31
N ARG A 169 -15.67 5.65 -5.64
CA ARG A 169 -16.78 4.74 -5.40
C ARG A 169 -17.35 4.07 -6.67
N ALA A 170 -16.59 4.08 -7.76
CA ALA A 170 -17.07 3.61 -9.08
C ALA A 170 -16.88 2.10 -9.42
N ALA A 171 -16.16 1.33 -8.60
CA ALA A 171 -15.85 -0.07 -8.99
C ALA A 171 -17.08 -0.89 -9.33
N GLY A 172 -18.11 -0.80 -8.49
CA GLY A 172 -19.35 -1.56 -8.74
C GLY A 172 -20.06 -1.12 -10.00
N ALA A 173 -20.17 0.20 -10.13
CA ALA A 173 -20.81 0.81 -11.27
C ALA A 173 -20.10 0.42 -12.53
N ILE A 174 -18.76 0.46 -12.49
CA ILE A 174 -17.95 0.18 -13.66
C ILE A 174 -18.26 -1.24 -14.10
N ALA A 175 -18.21 -2.17 -13.14
CA ALA A 175 -18.44 -3.59 -13.44
C ALA A 175 -19.84 -3.89 -13.96
N HIS A 176 -20.83 -3.21 -13.39
CA HIS A 176 -22.22 -3.30 -13.87
C HIS A 176 -22.30 -2.77 -15.29
N LEU A 177 -21.62 -1.66 -15.57
CA LEU A 177 -21.63 -1.16 -16.93
C LEU A 177 -21.03 -2.19 -17.87
N ASN A 178 -19.94 -2.80 -17.44
CA ASN A 178 -19.27 -3.78 -18.32
C ASN A 178 -20.02 -5.07 -18.50
N ALA A 179 -20.68 -5.54 -17.45
CA ALA A 179 -21.43 -6.80 -17.51
C ALA A 179 -22.79 -6.66 -18.17
N ASP A 180 -23.47 -5.55 -17.94
CA ASP A 180 -24.89 -5.43 -18.31
C ASP A 180 -25.18 -4.38 -19.34
N HIS A 181 -24.20 -3.53 -19.67
CA HIS A 181 -24.45 -2.49 -20.65
C HIS A 181 -23.45 -2.49 -21.83
N ALA A 182 -22.88 -3.63 -22.16
CA ALA A 182 -22.01 -3.76 -23.33
C ALA A 182 -22.57 -3.08 -24.55
N ASP A 183 -23.86 -3.23 -24.80
CA ASP A 183 -24.47 -2.58 -25.96
C ASP A 183 -24.41 -1.06 -25.89
N SER A 184 -24.62 -0.50 -24.70
CA SER A 184 -24.63 0.95 -24.56
C SER A 184 -23.23 1.48 -24.67
N LEU A 185 -22.29 0.76 -24.07
CA LEU A 185 -20.92 1.18 -24.13
C LEU A 185 -20.46 1.18 -25.61
N LEU A 186 -20.94 0.20 -26.37
CA LEU A 186 -20.56 0.02 -27.77
C LEU A 186 -21.08 1.18 -28.59
N ALA A 187 -22.32 1.51 -28.35
CA ALA A 187 -22.94 2.60 -29.07
C ALA A 187 -22.24 3.94 -28.77
N MET A 188 -21.84 4.16 -27.52
CA MET A 188 -21.07 5.37 -27.17
C MET A 188 -19.73 5.41 -27.94
N ALA A 189 -19.00 4.28 -27.93
CA ALA A 189 -17.72 4.21 -28.68
C ALA A 189 -17.90 4.57 -30.15
N ARG A 190 -18.94 4.01 -30.75
CA ARG A 190 -19.13 4.17 -32.17
C ARG A 190 -19.58 5.54 -32.52
N ASN A 191 -20.51 6.08 -31.74
CA ASN A 191 -21.17 7.32 -32.17
C ASN A 191 -20.73 8.56 -31.49
N LEU A 192 -20.12 8.44 -30.32
CA LEU A 192 -19.65 9.60 -29.59
C LEU A 192 -18.17 9.55 -29.33
N GLY A 193 -17.57 8.37 -29.37
CA GLY A 193 -16.15 8.21 -29.01
C GLY A 193 -15.15 8.21 -30.14
N GLY A 194 -15.63 8.35 -31.37
CA GLY A 194 -14.80 8.37 -32.55
C GLY A 194 -14.41 7.05 -33.18
N TYR A 195 -14.97 5.94 -32.74
CA TYR A 195 -14.57 4.63 -33.27
C TYR A 195 -15.77 3.84 -33.73
N PRO A 196 -16.31 4.22 -34.89
CA PRO A 196 -17.45 3.50 -35.46
C PRO A 196 -17.21 2.03 -35.73
N ASP A 197 -15.95 1.66 -35.91
CA ASP A 197 -15.54 0.27 -36.15
C ASP A 197 -15.24 -0.50 -34.83
N THR A 198 -15.66 0.05 -33.71
CA THR A 198 -15.53 -0.69 -32.46
C THR A 198 -16.42 -1.92 -32.60
N GLY A 199 -15.96 -3.06 -32.12
CA GLY A 199 -16.80 -4.23 -32.06
C GLY A 199 -17.21 -4.56 -30.63
N GLU A 200 -16.30 -4.29 -29.68
CA GLU A 200 -16.54 -4.37 -28.24
C GLU A 200 -15.93 -3.17 -27.49
N ALA A 201 -16.63 -2.68 -26.48
CA ALA A 201 -16.17 -1.53 -25.68
C ALA A 201 -16.29 -1.88 -24.20
N VAL A 202 -15.24 -1.60 -23.44
CA VAL A 202 -15.18 -1.81 -21.99
C VAL A 202 -14.87 -0.46 -21.35
N CYS A 203 -15.54 -0.16 -20.24
CA CYS A 203 -15.32 1.05 -19.49
C CYS A 203 -14.20 0.78 -18.56
N THR A 204 -13.14 1.56 -18.65
CA THR A 204 -11.98 1.38 -17.79
C THR A 204 -11.88 2.40 -16.71
N GLY A 205 -12.72 3.42 -16.73
CA GLY A 205 -12.72 4.43 -15.68
C GLY A 205 -13.96 5.30 -15.77
N ALA A 206 -14.38 5.82 -14.64
CA ALA A 206 -15.47 6.79 -14.59
C ALA A 206 -15.10 7.88 -13.65
N ASP A 207 -15.43 9.10 -14.06
CA ASP A 207 -15.11 10.24 -13.21
C ASP A 207 -16.30 11.18 -13.37
N ARG A 208 -16.24 12.37 -12.79
CA ARG A 208 -17.38 13.27 -12.73
C ARG A 208 -17.62 14.00 -14.04
N TYR A 209 -16.70 13.90 -15.00
CA TYR A 209 -16.83 14.55 -16.29
C TYR A 209 -17.23 13.55 -17.41
N GLY A 210 -16.93 12.26 -17.24
CA GLY A 210 -17.17 11.28 -18.27
C GLY A 210 -16.58 9.90 -18.03
N LEU A 211 -16.62 9.08 -19.06
CA LEU A 211 -16.20 7.68 -18.97
C LEU A 211 -15.05 7.45 -19.91
N ASP A 212 -14.06 6.68 -19.44
CA ASP A 212 -12.97 6.20 -20.31
C ASP A 212 -13.35 4.80 -20.84
N LEU A 213 -13.15 4.59 -22.13
CA LEU A 213 -13.51 3.35 -22.85
C LEU A 213 -12.26 2.77 -23.52
N ARG A 214 -12.07 1.46 -23.36
CA ARG A 214 -11.12 0.67 -24.15
C ARG A 214 -11.89 -0.06 -25.22
N VAL A 215 -11.47 0.09 -26.47
CA VAL A 215 -12.22 -0.38 -27.62
C VAL A 215 -11.45 -1.39 -28.45
N THR A 216 -12.16 -2.44 -28.81
CA THR A 216 -11.71 -3.52 -29.65
C THR A 216 -12.27 -3.22 -31.01
N THR A 217 -11.37 -2.82 -31.91
CA THR A 217 -11.77 -2.35 -33.24
C THR A 217 -11.27 -3.33 -34.28
N GLU A 218 -11.84 -3.24 -35.48
CA GLU A 218 -11.32 -3.99 -36.59
C GLU A 218 -9.82 -3.78 -36.83
N ARG A 219 -9.29 -2.61 -36.44
CA ARG A 219 -7.88 -2.28 -36.58
C ARG A 219 -7.05 -2.54 -35.33
N GLY A 220 -7.63 -3.13 -34.29
CA GLY A 220 -6.90 -3.36 -33.03
C GLY A 220 -7.48 -2.59 -31.84
N VAL A 221 -6.70 -2.52 -30.76
CA VAL A 221 -7.19 -2.03 -29.48
C VAL A 221 -6.83 -0.54 -29.34
N ALA A 222 -7.79 0.27 -28.90
CA ALA A 222 -7.60 1.71 -28.77
C ALA A 222 -8.36 2.25 -27.54
N TYR A 223 -8.22 3.53 -27.27
CA TYR A 223 -8.74 4.11 -26.05
C TYR A 223 -9.49 5.39 -26.42
N THR A 224 -10.68 5.62 -25.83
CA THR A 224 -11.37 6.89 -26.08
C THR A 224 -12.12 7.28 -24.80
N ARG A 225 -12.88 8.35 -24.88
CA ARG A 225 -13.48 8.97 -23.74
C ARG A 225 -14.74 9.66 -24.21
N VAL A 226 -15.80 9.62 -23.38
CA VAL A 226 -17.05 10.27 -23.72
C VAL A 226 -17.52 11.00 -22.49
N GLY A 227 -18.09 12.18 -22.73
CA GLY A 227 -18.37 13.15 -21.69
C GLY A 227 -19.81 13.27 -21.39
N TYR A 228 -20.14 13.49 -20.11
CA TYR A 228 -21.52 13.69 -19.71
C TYR A 228 -21.98 14.98 -20.33
N ALA A 229 -23.28 15.19 -20.32
CA ALA A 229 -23.84 16.41 -20.93
C ALA A 229 -23.45 17.63 -20.09
N ALA A 230 -23.26 17.41 -18.79
CA ALA A 230 -22.58 18.37 -17.93
C ALA A 230 -21.97 17.66 -16.71
N PRO A 231 -20.95 18.24 -16.08
CA PRO A 231 -20.28 17.57 -14.94
C PRO A 231 -21.25 17.18 -13.84
N ILE A 232 -20.92 16.12 -13.14
CA ILE A 232 -21.66 15.57 -12.01
CA ILE A 232 -21.72 15.77 -11.99
C ILE A 232 -20.92 15.94 -10.73
N SER A 233 -21.61 15.99 -9.59
CA SER A 233 -20.94 16.28 -8.33
C SER A 233 -21.22 15.33 -7.20
N SER A 234 -22.03 14.33 -7.45
CA SER A 234 -22.31 13.32 -6.45
C SER A 234 -22.56 12.02 -7.19
N PHE A 235 -22.30 10.94 -6.49
CA PHE A 235 -22.34 9.61 -7.08
C PHE A 235 -23.75 9.22 -7.54
N ASP A 236 -24.78 9.61 -6.79
CA ASP A 236 -26.15 9.27 -7.15
C ASP A 236 -26.53 9.85 -8.51
N GLN A 237 -25.80 10.85 -8.99
CA GLN A 237 -26.05 11.44 -10.35
C GLN A 237 -25.43 10.62 -11.50
N LEU A 238 -24.60 9.65 -11.17
CA LEU A 238 -23.91 8.85 -12.21
C LEU A 238 -24.86 8.05 -13.08
N ARG A 239 -25.87 7.45 -12.48
CA ARG A 239 -26.78 6.61 -13.26
C ARG A 239 -27.45 7.41 -14.35
N ALA A 240 -28.01 8.55 -13.99
CA ALA A 240 -28.70 9.42 -14.91
C ALA A 240 -27.76 10.02 -15.95
N ALA A 241 -26.52 10.30 -15.54
CA ALA A 241 -25.55 10.82 -16.49
C ALA A 241 -25.13 9.78 -17.56
N THR A 242 -25.00 8.51 -17.16
CA THR A 242 -24.74 7.40 -18.12
C THR A 242 -25.95 7.00 -18.96
N VAL A 243 -27.15 7.08 -18.40
CA VAL A 243 -28.34 6.90 -19.23
C VAL A 243 -28.37 7.97 -20.32
N GLU A 244 -28.20 9.24 -19.99
CA GLU A 244 -28.22 10.28 -21.05
C GLU A 244 -27.15 10.03 -22.09
N LEU A 245 -25.98 9.57 -21.64
CA LEU A 245 -24.95 9.17 -22.60
C LEU A 245 -25.49 8.13 -23.58
N ALA A 246 -26.12 7.09 -23.06
CA ALA A 246 -26.65 6.02 -23.93
C ALA A 246 -27.67 6.55 -24.90
N GLN A 247 -28.49 7.49 -24.45
CA GLN A 247 -29.55 8.05 -25.29
C GLN A 247 -28.96 8.88 -26.39
N ARG A 248 -27.98 9.72 -26.04
CA ARG A 248 -27.33 10.56 -27.04
C ARG A 248 -26.59 9.72 -28.07
N ALA A 249 -26.05 8.59 -27.64
CA ALA A 249 -25.41 7.66 -28.58
C ALA A 249 -26.37 7.05 -29.62
N LYS A 250 -27.58 6.63 -29.24
CA LYS A 250 -28.60 6.14 -30.20
C LYS A 250 -29.04 7.20 -31.21
N GLN A 251 -29.11 8.46 -30.79
CA GLN A 251 -29.53 9.53 -31.71
C GLN A 251 -28.41 10.00 -32.68
N SER A 252 -27.45 9.11 -33.00
CA SER A 252 -26.27 9.40 -33.83
C SER A 252 -25.25 10.34 -33.16
N VAL B 11 9.86 -21.90 24.62
CA VAL B 11 9.68 -22.02 23.14
C VAL B 11 9.99 -20.74 22.35
N VAL B 12 10.90 -20.89 21.41
CA VAL B 12 11.36 -19.76 20.62
C VAL B 12 10.26 -19.21 19.71
N ARG B 13 10.46 -17.95 19.42
CA ARG B 13 9.52 -17.14 18.72
C ARG B 13 10.36 -16.46 17.64
N PRO B 14 9.77 -16.11 16.50
CA PRO B 14 10.55 -15.24 15.58
C PRO B 14 11.10 -13.98 16.23
N SER B 15 12.33 -13.64 15.89
CA SER B 15 12.95 -12.40 16.35
C SER B 15 12.44 -11.19 15.55
N ALA B 16 12.70 -9.97 16.03
CA ALA B 16 12.30 -8.77 15.22
C ALA B 16 12.95 -8.80 13.85
N ALA B 17 14.19 -9.28 13.78
CA ALA B 17 14.85 -9.35 12.47
C ALA B 17 14.08 -10.27 11.50
N GLU B 18 13.68 -11.42 12.01
CA GLU B 18 12.88 -12.37 11.24
C GLU B 18 11.54 -11.74 10.83
N GLU B 19 10.86 -11.08 11.77
CA GLU B 19 9.60 -10.43 11.41
C GLU B 19 9.78 -9.43 10.25
N ALA B 20 10.82 -8.61 10.37
CA ALA B 20 11.19 -7.63 9.35
C ALA B 20 11.44 -8.28 7.98
N ARG B 21 12.23 -9.35 7.99
CA ARG B 21 12.49 -10.09 6.75
C ARG B 21 11.23 -10.65 6.17
N THR B 22 10.30 -11.07 7.06
CA THR B 22 9.08 -11.70 6.63
C THR B 22 8.15 -10.68 5.97
N ILE B 23 8.06 -9.52 6.58
CA ILE B 23 7.28 -8.43 5.97
C ILE B 23 7.84 -8.03 4.61
N ALA B 24 9.15 -7.87 4.53
CA ALA B 24 9.81 -7.51 3.25
C ALA B 24 9.49 -8.48 2.16
N ALA B 25 9.55 -9.76 2.51
CA ALA B 25 9.29 -10.81 1.52
C ALA B 25 7.82 -10.95 1.21
N SER B 26 6.91 -10.37 1.99
CA SER B 26 5.45 -10.54 1.73
C SER B 26 4.89 -9.77 0.55
N THR B 27 5.67 -8.88 -0.05
CA THR B 27 5.14 -8.05 -1.13
C THR B 27 6.27 -7.52 -2.01
N ASN B 28 5.94 -6.76 -3.04
CA ASN B 28 6.95 -6.13 -3.91
C ASN B 28 6.76 -4.61 -4.09
N VAL B 29 5.98 -4.00 -3.18
CA VAL B 29 5.74 -2.59 -3.20
C VAL B 29 6.03 -2.00 -1.83
N GLY B 30 6.59 -0.79 -1.83
CA GLY B 30 6.65 0.01 -0.64
C GLY B 30 6.84 1.47 -1.02
N THR B 31 7.27 2.27 -0.05
CA THR B 31 7.48 3.68 -0.26
C THR B 31 8.90 4.07 0.20
N LEU B 32 9.66 4.62 -0.73
CA LEU B 32 11.04 5.07 -0.45
C LEU B 32 11.01 6.46 0.14
N ALA B 33 11.86 6.71 1.12
CA ALA B 33 12.08 8.07 1.60
C ALA B 33 13.50 8.44 1.17
N THR B 34 13.61 9.57 0.50
CA THR B 34 14.87 10.12 0.08
C THR B 34 14.90 11.62 0.38
N LEU B 35 16.06 12.22 0.18
CA LEU B 35 16.31 13.63 0.44
C LEU B 35 16.39 14.36 -0.87
N THR B 36 15.69 15.45 -1.01
CA THR B 36 15.91 16.33 -2.19
C THR B 36 17.25 17.00 -1.95
N THR B 37 17.72 17.79 -2.91
CA THR B 37 19.03 18.43 -2.77
C THR B 37 18.97 19.46 -1.68
N GLU B 38 17.77 19.97 -1.42
N GLU B 38 17.78 20.01 -1.41
CA GLU B 38 17.59 20.96 -0.38
CA GLU B 38 17.63 20.97 -0.31
C GLU B 38 17.35 20.30 0.99
C GLU B 38 17.40 20.30 1.03
N GLY B 39 17.50 18.97 1.06
CA GLY B 39 17.29 18.24 2.31
C GLY B 39 15.81 18.10 2.74
N ASP B 40 14.85 18.24 1.84
CA ASP B 40 13.44 17.98 2.17
C ASP B 40 13.18 16.50 2.07
N PRO B 41 12.31 15.98 2.95
CA PRO B 41 12.01 14.54 2.88
C PRO B 41 11.01 14.24 1.75
N TRP B 42 11.39 13.35 0.84
CA TRP B 42 10.61 13.00 -0.33
C TRP B 42 10.14 11.54 -0.25
N ALA B 43 8.82 11.33 -0.19
CA ALA B 43 8.22 9.96 -0.22
C ALA B 43 7.87 9.56 -1.64
N SER B 44 8.31 8.37 -2.08
CA SER B 44 8.02 7.82 -3.41
C SER B 44 7.56 6.35 -3.42
N PHE B 45 6.52 6.06 -4.17
CA PHE B 45 6.07 4.71 -4.41
C PHE B 45 7.14 4.00 -5.19
N VAL B 46 7.52 2.79 -4.74
CA VAL B 46 8.47 1.97 -5.47
C VAL B 46 8.15 0.48 -5.44
N THR B 47 8.62 -0.25 -6.46
CA THR B 47 8.56 -1.68 -6.52
C THR B 47 9.93 -2.24 -6.23
N TYR B 48 10.01 -3.48 -5.75
CA TYR B 48 11.31 -4.04 -5.40
C TYR B 48 11.30 -5.54 -5.39
N GLY B 49 12.49 -6.10 -5.62
CA GLY B 49 12.74 -7.52 -5.32
C GLY B 49 13.73 -7.56 -4.17
N LEU B 50 14.11 -8.75 -3.74
CA LEU B 50 15.06 -8.90 -2.64
C LEU B 50 16.30 -9.67 -3.05
N LEU B 51 17.46 -9.16 -2.63
CA LEU B 51 18.72 -9.87 -2.75
C LEU B 51 19.22 -10.11 -1.34
N GLY B 52 18.94 -11.31 -0.85
CA GLY B 52 19.19 -11.65 0.54
C GLY B 52 18.66 -10.63 1.54
N GLY B 53 17.39 -10.32 1.47
CA GLY B 53 16.84 -9.36 2.40
C GLY B 53 16.97 -7.89 1.96
N ALA B 54 17.79 -7.59 0.93
CA ALA B 54 18.05 -6.21 0.48
C ALA B 54 17.11 -5.77 -0.63
N PRO B 55 16.34 -4.70 -0.38
CA PRO B 55 15.53 -4.24 -1.49
C PRO B 55 16.35 -3.83 -2.72
N VAL B 56 15.90 -4.33 -3.87
CA VAL B 56 16.48 -3.99 -5.15
C VAL B 56 15.50 -3.16 -5.94
N LEU B 57 15.87 -1.92 -6.23
CA LEU B 57 14.97 -0.98 -6.93
C LEU B 57 15.45 -0.85 -8.34
N CYS B 58 14.55 -0.56 -9.25
CA CYS B 58 14.92 -0.18 -10.59
C CYS B 58 14.32 1.19 -10.79
N VAL B 59 15.15 2.20 -10.89
CA VAL B 59 14.68 3.60 -10.88
C VAL B 59 15.11 4.33 -12.15
N SER B 60 14.18 5.06 -12.76
CA SER B 60 14.54 6.02 -13.79
C SER B 60 15.52 7.09 -13.25
N ASP B 61 16.67 7.24 -13.89
CA ASP B 61 17.61 8.36 -13.63
C ASP B 61 16.99 9.79 -13.67
N MET B 62 15.87 9.99 -14.37
CA MET B 62 15.24 11.33 -14.32
CA MET B 62 15.12 11.28 -14.43
C MET B 62 13.98 11.36 -13.38
N ALA B 63 13.66 10.26 -12.71
CA ALA B 63 12.66 10.32 -11.60
C ALA B 63 13.20 11.14 -10.41
N GLU B 64 12.34 11.85 -9.67
CA GLU B 64 12.85 12.62 -8.55
C GLU B 64 13.69 11.76 -7.58
N HIS B 65 13.26 10.55 -7.28
CA HIS B 65 14.03 9.73 -6.37
C HIS B 65 15.32 9.19 -6.94
N GLY B 66 15.42 9.05 -8.24
CA GLY B 66 16.68 8.62 -8.83
C GLY B 66 17.72 9.72 -8.66
N ARG B 67 17.28 10.94 -8.88
CA ARG B 67 18.13 12.10 -8.73
CA ARG B 67 18.11 12.13 -8.73
C ARG B 67 18.50 12.26 -7.27
N ASN B 68 17.56 11.99 -6.37
CA ASN B 68 17.87 12.16 -4.96
C ASN B 68 18.98 11.18 -4.57
N LEU B 69 18.84 9.93 -4.99
CA LEU B 69 19.79 8.93 -4.60
C LEU B 69 21.18 9.25 -5.14
N ALA B 70 21.23 9.74 -6.39
CA ALA B 70 22.50 10.08 -7.05
C ALA B 70 23.21 11.21 -6.32
N HIS B 71 22.44 12.08 -5.68
CA HIS B 71 22.99 13.20 -4.96
C HIS B 71 23.33 12.87 -3.50
N ASP B 72 22.44 12.14 -2.84
CA ASP B 72 22.65 11.69 -1.46
C ASP B 72 22.04 10.30 -1.33
N PRO B 73 22.86 9.27 -1.18
CA PRO B 73 22.32 7.92 -1.30
C PRO B 73 21.62 7.39 -0.02
N ARG B 74 21.55 8.20 1.05
CA ARG B 74 20.73 7.85 2.20
C ARG B 74 19.26 7.65 1.79
N ALA B 75 18.70 6.49 2.17
CA ALA B 75 17.32 6.14 1.84
C ALA B 75 16.74 5.25 2.94
N SER B 76 15.42 5.30 3.11
CA SER B 76 14.72 4.24 3.83
C SER B 76 13.48 3.84 3.07
N ILE B 77 12.96 2.64 3.34
CA ILE B 77 11.77 2.14 2.68
C ILE B 77 10.83 1.60 3.77
N ALA B 78 9.58 2.01 3.74
CA ALA B 78 8.55 1.42 4.60
C ALA B 78 7.79 0.41 3.82
N ILE B 79 7.58 -0.76 4.42
CA ILE B 79 6.94 -1.89 3.78
C ILE B 79 5.82 -2.38 4.68
N VAL B 80 4.66 -2.65 4.08
CA VAL B 80 3.47 -3.03 4.78
C VAL B 80 3.01 -4.41 4.23
N ALA B 81 2.90 -5.40 5.11
CA ALA B 81 2.45 -6.76 4.78
C ALA B 81 0.99 -6.74 4.39
N PRO B 82 0.63 -7.37 3.27
CA PRO B 82 -0.79 -7.46 2.93
C PRO B 82 -1.59 -8.02 4.11
N SER B 83 -2.74 -7.45 4.39
CA SER B 83 -3.50 -7.77 5.59
C SER B 83 -4.92 -8.20 5.25
N ALA B 84 -5.45 -9.13 6.06
CA ALA B 84 -6.86 -9.52 6.01
C ALA B 84 -7.66 -8.45 6.74
N GLU B 85 -7.22 -8.14 7.97
CA GLU B 85 -7.79 -7.11 8.82
C GLU B 85 -8.05 -5.82 8.10
N SER B 86 -9.21 -5.25 8.34
CA SER B 86 -9.56 -3.98 7.78
C SER B 86 -9.16 -2.80 8.70
N ASP B 87 -8.64 -3.07 9.89
CA ASP B 87 -8.12 -2.01 10.76
C ASP B 87 -6.64 -1.77 10.37
N PRO B 88 -6.35 -0.64 9.73
CA PRO B 88 -4.98 -0.33 9.27
C PRO B 88 -3.92 -0.35 10.39
N LEU B 89 -4.32 0.06 11.57
CA LEU B 89 -3.40 0.07 12.71
C LEU B 89 -2.96 -1.33 13.13
N ALA B 90 -3.71 -2.34 12.72
CA ALA B 90 -3.31 -3.72 12.97
C ALA B 90 -2.26 -4.23 11.97
N SER B 91 -1.99 -3.46 10.93
CA SER B 91 -0.99 -3.84 9.90
C SER B 91 0.36 -4.18 10.49
N ALA B 92 1.03 -5.15 9.90
CA ALA B 92 2.47 -5.37 10.19
C ALA B 92 3.34 -4.59 9.16
N ARG B 93 4.31 -3.83 9.65
CA ARG B 93 5.05 -2.86 8.83
C ARG B 93 6.49 -2.70 9.33
N VAL B 94 7.34 -2.21 8.43
CA VAL B 94 8.75 -2.11 8.75
C VAL B 94 9.39 -0.95 7.96
N THR B 95 10.32 -0.25 8.59
CA THR B 95 11.22 0.67 7.92
C THR B 95 12.58 -0.01 7.86
N LEU B 96 13.11 -0.17 6.64
CA LEU B 96 14.46 -0.55 6.43
C LEU B 96 15.20 0.74 6.00
N ALA B 97 16.26 1.07 6.71
CA ALA B 97 16.99 2.34 6.53
C ALA B 97 18.46 2.05 6.30
N GLY B 98 19.02 2.77 5.35
CA GLY B 98 20.46 2.84 5.18
C GLY B 98 20.86 3.67 3.99
N VAL B 99 21.50 3.02 3.03
CA VAL B 99 22.26 3.71 2.00
C VAL B 99 22.11 2.88 0.74
N ALA B 100 21.66 3.50 -0.36
CA ALA B 100 21.50 2.77 -1.64
C ALA B 100 22.74 2.89 -2.49
N GLU B 101 23.05 1.85 -3.23
CA GLU B 101 24.24 1.80 -4.03
C GLU B 101 23.91 1.09 -5.30
N ARG B 102 24.46 1.57 -6.41
CA ARG B 102 24.32 0.91 -7.69
C ARG B 102 25.31 -0.23 -7.74
N PRO B 103 24.85 -1.49 -7.80
CA PRO B 103 25.83 -2.59 -7.77
C PRO B 103 26.51 -2.81 -9.13
N GLU B 104 27.58 -3.60 -9.11
CA GLU B 104 28.36 -3.87 -10.31
C GLU B 104 28.62 -5.35 -10.43
N GLY B 105 28.90 -5.77 -11.66
CA GLY B 105 29.42 -7.08 -11.92
C GLY B 105 28.45 -8.18 -11.56
N ASP B 106 28.93 -9.13 -10.75
CA ASP B 106 28.13 -10.28 -10.37
C ASP B 106 26.91 -9.85 -9.57
N GLU B 107 27.10 -8.92 -8.64
CA GLU B 107 26.01 -8.47 -7.79
C GLU B 107 24.92 -7.78 -8.59
N LEU B 108 25.32 -6.97 -9.57
CA LEU B 108 24.38 -6.31 -10.47
C LEU B 108 23.54 -7.31 -11.22
N ALA B 109 24.17 -8.34 -11.74
CA ALA B 109 23.42 -9.33 -12.48
C ALA B 109 22.41 -10.07 -11.59
N ALA B 110 22.79 -10.34 -10.35
CA ALA B 110 21.92 -11.03 -9.40
C ALA B 110 20.81 -10.09 -8.90
N ALA B 111 21.13 -8.83 -8.67
CA ALA B 111 20.13 -7.82 -8.30
C ALA B 111 19.09 -7.68 -9.39
N ARG B 112 19.56 -7.55 -10.61
CA ARG B 112 18.73 -7.42 -11.79
C ARG B 112 17.74 -8.59 -11.83
N ALA B 113 18.23 -9.79 -11.61
CA ALA B 113 17.41 -10.95 -11.76
C ALA B 113 16.30 -10.96 -10.71
N ALA B 114 16.72 -10.67 -9.49
CA ALA B 114 15.87 -10.68 -8.30
C ALA B 114 14.76 -9.67 -8.45
N HIS B 115 15.09 -8.52 -9.02
CA HIS B 115 14.06 -7.51 -9.28
C HIS B 115 13.11 -8.01 -10.32
N LEU B 116 13.66 -8.49 -11.44
CA LEU B 116 12.87 -9.04 -12.53
C LEU B 116 11.91 -10.14 -12.14
N ASP B 117 12.30 -11.03 -11.26
CA ASP B 117 11.34 -12.09 -10.95
C ASP B 117 10.35 -11.72 -9.87
N ALA B 118 10.56 -10.59 -9.18
CA ALA B 118 9.56 -10.05 -8.26
C ALA B 118 8.60 -9.06 -8.91
N VAL B 119 9.01 -8.45 -10.03
CA VAL B 119 8.21 -7.42 -10.69
C VAL B 119 8.22 -7.68 -12.20
N ALA B 120 7.19 -8.36 -12.66
CA ALA B 120 7.17 -8.88 -14.02
C ALA B 120 7.35 -7.73 -15.01
N ALA B 121 6.67 -6.60 -14.76
CA ALA B 121 6.67 -5.51 -15.72
C ALA B 121 8.01 -4.79 -15.84
N ALA B 122 8.92 -5.01 -14.91
CA ALA B 122 10.23 -4.36 -14.97
C ALA B 122 11.02 -4.85 -16.21
N LYS B 123 10.60 -6.01 -16.72
CA LYS B 123 10.94 -6.50 -18.05
C LYS B 123 11.15 -5.34 -19.04
N TYR B 124 10.23 -4.37 -19.05
CA TYR B 124 10.18 -3.33 -20.08
C TYR B 124 11.11 -2.14 -19.82
N TYR B 125 11.75 -2.09 -18.64
CA TYR B 125 12.54 -0.91 -18.22
C TYR B 125 13.99 -1.18 -17.93
N ILE B 126 14.30 -2.38 -17.42
CA ILE B 126 15.52 -2.55 -16.62
C ILE B 126 16.77 -2.50 -17.48
N ASP B 127 16.63 -2.73 -18.78
CA ASP B 127 17.79 -2.75 -19.66
C ASP B 127 18.08 -1.44 -20.43
N TYR B 128 17.25 -0.41 -20.26
CA TYR B 128 17.55 0.93 -20.81
C TYR B 128 18.64 1.58 -19.96
N SER B 129 19.55 2.29 -20.60
CA SER B 129 20.69 2.92 -19.91
C SER B 129 20.31 4.07 -18.94
N ASP B 130 19.12 4.65 -19.16
CA ASP B 130 18.57 5.70 -18.31
C ASP B 130 17.70 5.16 -17.12
N PHE B 131 17.61 3.84 -16.92
CA PHE B 131 17.10 3.26 -15.65
C PHE B 131 18.27 2.57 -14.95
N SER B 132 18.39 2.77 -13.64
CA SER B 132 19.48 2.20 -12.85
C SER B 132 18.94 1.21 -11.82
N VAL B 133 19.76 0.22 -11.50
CA VAL B 133 19.47 -0.70 -10.44
C VAL B 133 20.15 -0.21 -9.16
N TRP B 134 19.36 -0.10 -8.08
CA TRP B 134 19.90 0.28 -6.76
C TRP B 134 19.61 -0.85 -5.78
N VAL B 135 20.50 -1.06 -4.83
CA VAL B 135 20.33 -2.04 -3.80
C VAL B 135 20.47 -1.30 -2.50
N LEU B 136 19.51 -1.46 -1.60
CA LEU B 136 19.51 -0.72 -0.36
C LEU B 136 20.33 -1.49 0.68
N ARG B 137 21.48 -0.95 1.06
CA ARG B 137 22.30 -1.52 2.14
C ARG B 137 21.63 -1.15 3.46
N VAL B 138 20.98 -2.14 4.10
CA VAL B 138 20.17 -1.89 5.29
C VAL B 138 21.07 -1.80 6.50
N GLN B 139 20.99 -0.69 7.22
CA GLN B 139 21.82 -0.44 8.39
C GLN B 139 21.04 -0.49 9.71
N ARG B 140 19.76 -0.19 9.64
CA ARG B 140 18.88 -0.06 10.77
C ARG B 140 17.52 -0.49 10.32
N VAL B 141 16.75 -1.00 11.27
CA VAL B 141 15.41 -1.54 11.04
C VAL B 141 14.52 -1.18 12.22
N ARG B 142 13.31 -0.72 11.92
CA ARG B 142 12.27 -0.44 12.92
C ARG B 142 11.06 -1.26 12.50
N TRP B 143 10.63 -2.16 13.37
CA TRP B 143 9.53 -3.03 13.06
C TRP B 143 8.39 -2.67 13.95
N VAL B 144 7.20 -2.60 13.34
CA VAL B 144 5.95 -2.49 14.06
C VAL B 144 5.00 -3.60 13.61
N GLY B 145 4.85 -4.62 14.47
CA GLY B 145 3.97 -5.75 14.23
C GLY B 145 2.54 -5.57 14.66
N GLY B 146 1.83 -4.65 14.03
CA GLY B 146 0.48 -4.35 14.44
C GLY B 146 0.46 -3.70 15.83
N TYR B 147 -0.62 -3.94 16.53
CA TYR B 147 -0.86 -3.28 17.79
C TYR B 147 0.13 -3.72 18.88
N GLY B 148 0.82 -2.72 19.44
CA GLY B 148 1.77 -2.90 20.54
C GLY B 148 2.93 -3.88 20.48
N ARG B 149 3.37 -4.25 19.29
CA ARG B 149 4.57 -5.04 19.14
C ARG B 149 5.51 -4.21 18.33
N MET B 150 6.65 -3.81 18.88
CA MET B 150 7.59 -3.12 18.06
C MET B 150 8.99 -3.26 18.59
N ASP B 151 9.97 -3.08 17.72
CA ASP B 151 11.37 -3.15 18.12
C ASP B 151 12.25 -2.63 17.00
N SER B 152 13.53 -2.39 17.33
CA SER B 152 14.55 -2.01 16.38
C SER B 152 15.50 -3.15 16.24
N THR B 153 16.19 -3.25 15.12
CA THR B 153 17.32 -4.18 15.00
C THR B 153 18.41 -3.53 14.19
N THR B 154 19.57 -4.17 14.21
CA THR B 154 20.69 -3.75 13.44
C THR B 154 20.52 -4.28 12.08
N GLY B 155 21.20 -3.67 11.13
CA GLY B 155 21.30 -4.23 9.77
C GLY B 155 21.95 -5.60 9.67
N GLU B 156 22.95 -5.84 10.52
CA GLU B 156 23.56 -7.17 10.47
C GLU B 156 22.58 -8.27 10.97
N ALA B 157 21.92 -8.03 12.07
CA ALA B 157 20.88 -8.95 12.54
C ALA B 157 19.84 -9.18 11.42
N TYR B 158 19.50 -8.12 10.68
CA TYR B 158 18.50 -8.23 9.60
C TYR B 158 18.98 -9.13 8.49
N ALA B 159 20.22 -8.88 8.06
CA ALA B 159 20.83 -9.70 7.00
C ALA B 159 21.01 -11.17 7.42
N ALA B 160 21.30 -11.38 8.72
CA ALA B 160 21.51 -12.77 9.23
C ALA B 160 20.21 -13.57 9.28
N ALA B 161 19.08 -12.89 9.48
CA ALA B 161 17.78 -13.56 9.65
C ALA B 161 17.22 -14.05 8.34
N GLU B 162 16.17 -14.84 8.43
CA GLU B 162 15.47 -15.35 7.27
C GLU B 162 13.99 -15.02 7.37
N ALA B 163 13.37 -14.86 6.23
CA ALA B 163 11.95 -14.70 6.15
C ALA B 163 11.27 -16.02 6.56
N ASP B 164 10.12 -15.93 7.22
CA ASP B 164 9.38 -17.09 7.71
C ASP B 164 8.60 -17.76 6.59
N PRO B 165 8.89 -19.07 6.31
CA PRO B 165 8.23 -19.73 5.17
C PRO B 165 6.80 -20.10 5.45
N VAL B 166 6.40 -20.05 6.71
CA VAL B 166 5.01 -20.35 7.06
C VAL B 166 4.06 -19.18 7.02
N THR B 167 4.54 -18.00 7.44
CA THR B 167 3.66 -16.79 7.56
C THR B 167 2.73 -16.46 6.36
N PRO B 168 3.23 -16.54 5.12
CA PRO B 168 2.39 -16.21 3.96
C PRO B 168 1.10 -16.98 3.85
N ARG B 169 1.07 -18.23 4.33
CA ARG B 169 -0.14 -19.04 4.28
C ARG B 169 -0.67 -19.37 5.67
N ALA B 170 -0.23 -18.61 6.64
CA ALA B 170 -0.61 -18.92 8.01
C ALA B 170 -2.08 -18.73 8.31
N ALA B 171 -2.71 -17.68 7.78
CA ALA B 171 -4.12 -17.41 8.08
C ALA B 171 -5.00 -18.62 7.74
N GLY B 172 -4.80 -19.20 6.55
CA GLY B 172 -5.55 -20.36 6.14
C GLY B 172 -5.30 -21.56 7.07
N ALA B 173 -4.03 -21.78 7.38
CA ALA B 173 -3.62 -22.90 8.22
C ALA B 173 -4.24 -22.78 9.58
N ILE B 174 -4.21 -21.55 10.11
CA ILE B 174 -4.72 -21.25 11.43
C ILE B 174 -6.19 -21.60 11.48
N ALA B 175 -6.94 -21.09 10.51
CA ALA B 175 -8.39 -21.31 10.43
C ALA B 175 -8.77 -22.76 10.23
N HIS B 176 -8.00 -23.46 9.39
CA HIS B 176 -8.18 -24.91 9.20
C HIS B 176 -7.94 -25.64 10.52
N LEU B 177 -6.93 -25.25 11.24
CA LEU B 177 -6.69 -25.92 12.49
C LEU B 177 -7.85 -25.66 13.43
N ASN B 178 -8.38 -24.44 13.46
CA ASN B 178 -9.45 -24.14 14.39
C ASN B 178 -10.75 -24.80 14.00
N ALA B 179 -11.00 -24.89 12.70
CA ALA B 179 -12.25 -25.42 12.23
C ALA B 179 -12.30 -26.93 12.38
N ASP B 180 -11.19 -27.63 12.06
CA ASP B 180 -11.17 -29.09 11.96
C ASP B 180 -10.34 -29.80 13.01
N HIS B 181 -9.49 -29.11 13.74
CA HIS B 181 -8.63 -29.79 14.75
C HIS B 181 -8.73 -29.23 16.14
N ALA B 182 -9.85 -28.62 16.49
CA ALA B 182 -10.06 -28.13 17.91
C ALA B 182 -9.65 -29.14 18.99
N ASP B 183 -9.97 -30.42 18.77
CA ASP B 183 -9.60 -31.49 19.72
C ASP B 183 -8.11 -31.69 19.86
N SER B 184 -7.37 -31.64 18.76
CA SER B 184 -5.89 -31.79 18.84
C SER B 184 -5.30 -30.56 19.48
N LEU B 185 -5.86 -29.39 19.17
CA LEU B 185 -5.37 -28.15 19.78
C LEU B 185 -5.54 -28.21 21.31
N LEU B 186 -6.65 -28.82 21.74
CA LEU B 186 -6.96 -28.97 23.18
C LEU B 186 -5.94 -29.89 23.86
N ALA B 187 -5.63 -31.01 23.20
CA ALA B 187 -4.65 -31.93 23.76
C ALA B 187 -3.29 -31.27 23.89
N MET B 188 -2.90 -30.48 22.89
CA MET B 188 -1.61 -29.77 22.95
C MET B 188 -1.61 -28.83 24.16
N ALA B 189 -2.66 -28.05 24.30
CA ALA B 189 -2.71 -27.13 25.44
C ALA B 189 -2.58 -27.91 26.79
N ARG B 190 -3.29 -29.02 26.91
CA ARG B 190 -3.34 -29.72 28.16
C ARG B 190 -2.05 -30.39 28.46
N ASN B 191 -1.45 -31.02 27.45
CA ASN B 191 -0.29 -31.89 27.73
C ASN B 191 1.04 -31.36 27.40
N LEU B 192 1.09 -30.33 26.55
CA LEU B 192 2.35 -29.71 26.19
C LEU B 192 2.42 -28.24 26.57
N GLY B 193 1.27 -27.59 26.67
CA GLY B 193 1.23 -26.15 26.82
C GLY B 193 1.06 -25.61 28.22
N GLY B 194 0.95 -26.50 29.21
CA GLY B 194 0.90 -26.10 30.60
C GLY B 194 -0.48 -25.85 31.17
N TYR B 195 -1.54 -26.14 30.44
CA TYR B 195 -2.89 -25.97 30.95
C TYR B 195 -3.73 -27.25 30.93
N PRO B 196 -3.46 -28.21 31.87
CA PRO B 196 -4.09 -29.52 31.86
C PRO B 196 -5.57 -29.50 32.04
N ASP B 197 -6.06 -28.43 32.67
CA ASP B 197 -7.49 -28.30 32.92
C ASP B 197 -8.25 -27.38 32.00
N THR B 198 -7.64 -26.85 30.95
CA THR B 198 -8.44 -25.97 30.10
C THR B 198 -9.49 -26.82 29.41
N GLY B 199 -10.58 -26.17 29.04
CA GLY B 199 -11.66 -26.84 28.35
C GLY B 199 -11.70 -26.58 26.87
N GLU B 200 -11.06 -25.50 26.41
CA GLU B 200 -11.09 -25.07 24.99
C GLU B 200 -9.76 -24.35 24.61
N ALA B 201 -9.23 -24.68 23.41
CA ALA B 201 -8.00 -24.09 22.90
C ALA B 201 -8.22 -23.66 21.47
N VAL B 202 -7.81 -22.43 21.17
CA VAL B 202 -7.90 -21.87 19.83
C VAL B 202 -6.48 -21.48 19.43
N CYS B 203 -6.11 -21.71 18.16
CA CYS B 203 -4.80 -21.33 17.67
C CYS B 203 -4.91 -19.89 17.19
N THR B 204 -4.03 -19.01 17.68
CA THR B 204 -4.09 -17.61 17.30
C THR B 204 -2.90 -17.16 16.49
N GLY B 205 -1.97 -18.08 16.20
CA GLY B 205 -0.86 -17.78 15.33
C GLY B 205 -0.06 -19.02 15.05
N ALA B 206 0.57 -19.05 13.87
CA ALA B 206 1.46 -20.12 13.47
C ALA B 206 2.65 -19.48 12.74
N ASP B 207 3.83 -20.01 13.04
CA ASP B 207 5.07 -19.56 12.39
C ASP B 207 5.98 -20.79 12.24
N ARG B 208 7.22 -20.59 11.82
CA ARG B 208 8.08 -21.74 11.56
C ARG B 208 8.60 -22.41 12.83
N TYR B 209 8.38 -21.81 14.00
CA TYR B 209 8.85 -22.38 15.26
C TYR B 209 7.79 -23.11 16.04
N GLY B 210 6.54 -22.74 15.86
CA GLY B 210 5.48 -23.30 16.70
C GLY B 210 4.15 -22.63 16.55
N LEU B 211 3.20 -23.04 17.39
CA LEU B 211 1.84 -22.47 17.36
C LEU B 211 1.56 -21.73 18.64
N ASP B 212 0.88 -20.60 18.50
CA ASP B 212 0.33 -19.88 19.66
C ASP B 212 -1.11 -20.31 19.89
N LEU B 213 -1.43 -20.54 21.16
CA LEU B 213 -2.74 -21.03 21.58
C LEU B 213 -3.36 -20.09 22.64
N ARG B 214 -4.65 -19.78 22.45
CA ARG B 214 -5.44 -19.10 23.44
C ARG B 214 -6.32 -20.14 24.11
N VAL B 215 -6.18 -20.26 25.44
CA VAL B 215 -6.82 -21.29 26.22
C VAL B 215 -7.79 -20.67 27.27
N THR B 216 -8.88 -21.34 27.54
CA THR B 216 -9.86 -20.89 28.50
C THR B 216 -9.35 -21.19 29.91
N THR B 217 -9.42 -20.21 30.81
CA THR B 217 -9.16 -20.44 32.24
C THR B 217 -10.40 -20.02 33.00
N GLU B 218 -10.48 -20.42 34.27
CA GLU B 218 -11.56 -19.90 35.13
C GLU B 218 -11.55 -18.38 35.19
N ARG B 219 -10.40 -17.74 34.95
CA ARG B 219 -10.31 -16.28 35.09
C ARG B 219 -10.39 -15.50 33.81
N GLY B 220 -10.66 -16.15 32.70
CA GLY B 220 -10.65 -15.49 31.41
C GLY B 220 -10.00 -16.40 30.39
N VAL B 221 -8.94 -15.91 29.75
CA VAL B 221 -8.08 -16.71 28.85
C VAL B 221 -6.59 -16.47 29.10
N ALA B 222 -5.79 -17.48 28.76
CA ALA B 222 -4.35 -17.43 28.86
C ALA B 222 -3.81 -17.75 27.48
N TYR B 223 -2.52 -17.55 27.34
CA TYR B 223 -1.88 -17.72 26.05
C TYR B 223 -0.67 -18.61 26.30
N THR B 224 -0.53 -19.66 25.52
CA THR B 224 0.62 -20.50 25.63
C THR B 224 1.11 -20.74 24.24
N ARG B 225 2.13 -21.56 24.14
CA ARG B 225 2.82 -21.75 22.88
C ARG B 225 3.38 -23.12 22.91
N VAL B 226 3.28 -23.82 21.79
CA VAL B 226 3.84 -25.16 21.70
C VAL B 226 4.75 -25.15 20.47
N GLY B 227 5.96 -25.66 20.67
CA GLY B 227 7.00 -25.67 19.65
C GLY B 227 6.99 -26.96 18.85
N TYR B 228 7.35 -26.86 17.57
CA TYR B 228 7.48 -28.05 16.74
C TYR B 228 8.68 -28.81 17.24
N ALA B 229 8.92 -30.02 16.71
CA ALA B 229 10.07 -30.76 17.20
C ALA B 229 11.33 -29.94 16.95
N ALA B 230 11.32 -29.16 15.87
CA ALA B 230 12.43 -28.25 15.55
C ALA B 230 11.92 -27.28 14.49
N PRO B 231 12.63 -26.18 14.28
CA PRO B 231 12.10 -25.22 13.33
C PRO B 231 11.92 -25.82 11.94
N ILE B 232 10.87 -25.37 11.25
CA ILE B 232 10.49 -25.80 9.91
CA ILE B 232 10.62 -25.84 9.91
C ILE B 232 11.10 -24.86 8.90
N SER B 233 11.30 -25.33 7.65
CA SER B 233 11.84 -24.52 6.56
C SER B 233 10.97 -24.29 5.31
N SER B 234 9.78 -24.86 5.26
CA SER B 234 8.88 -24.61 4.16
C SER B 234 7.51 -24.78 4.70
N PHE B 235 6.56 -24.20 3.97
CA PHE B 235 5.20 -24.37 4.32
C PHE B 235 4.77 -25.81 4.25
N ASP B 236 5.25 -26.56 3.27
CA ASP B 236 4.81 -27.96 3.12
C ASP B 236 5.18 -28.78 4.36
N GLN B 237 6.22 -28.38 5.11
CA GLN B 237 6.61 -29.08 6.36
C GLN B 237 5.64 -28.79 7.55
N LEU B 238 4.72 -27.85 7.41
CA LEU B 238 3.78 -27.53 8.49
C LEU B 238 2.85 -28.69 8.78
N ARG B 239 2.42 -29.39 7.73
CA ARG B 239 1.55 -30.52 7.90
C ARG B 239 2.20 -31.56 8.82
N ALA B 240 3.41 -31.98 8.49
CA ALA B 240 4.05 -33.01 9.28
C ALA B 240 4.32 -32.48 10.67
N ALA B 241 4.57 -31.17 10.79
CA ALA B 241 4.93 -30.59 12.08
C ALA B 241 3.73 -30.58 13.03
N THR B 242 2.54 -30.30 12.52
CA THR B 242 1.32 -30.36 13.33
C THR B 242 0.87 -31.78 13.58
N VAL B 243 1.06 -32.68 12.61
CA VAL B 243 0.79 -34.09 12.88
C VAL B 243 1.71 -34.56 14.04
N GLU B 244 3.01 -34.28 13.97
CA GLU B 244 3.86 -34.66 15.10
C GLU B 244 3.44 -33.99 16.46
N LEU B 245 2.99 -32.73 16.42
CA LEU B 245 2.51 -32.06 17.62
C LEU B 245 1.32 -32.80 18.21
N ALA B 246 0.30 -33.08 17.41
CA ALA B 246 -0.83 -33.88 17.89
C ALA B 246 -0.43 -35.28 18.47
N GLN B 247 0.53 -35.94 17.84
CA GLN B 247 0.97 -37.25 18.31
CA GLN B 247 1.01 -37.26 18.30
C GLN B 247 1.72 -37.14 19.65
N ARG B 248 2.62 -36.16 19.78
CA ARG B 248 3.37 -35.95 21.02
C ARG B 248 2.43 -35.61 22.16
N ALA B 249 1.35 -34.89 21.86
CA ALA B 249 0.35 -34.54 22.86
C ALA B 249 -0.38 -35.77 23.43
N LYS B 250 -0.77 -36.72 22.59
CA LYS B 250 -1.39 -37.97 23.08
C LYS B 250 -0.46 -38.78 23.99
N GLN B 251 0.84 -38.76 23.71
CA GLN B 251 1.82 -39.49 24.51
C GLN B 251 2.27 -38.74 25.79
N SER B 252 1.46 -37.77 26.22
CA SER B 252 1.64 -37.08 27.50
C SER B 252 0.31 -37.13 28.26
NI NI C . -26.97 0.51 -15.36
N1 EPE D . 0.69 5.26 12.39
C2 EPE D . 1.08 6.68 12.16
C3 EPE D . -0.06 7.69 12.47
N4 EPE D . -1.48 7.12 12.36
C5 EPE D . -1.59 5.67 12.53
C6 EPE D . -0.57 4.92 11.75
C7 EPE D . -2.51 7.77 13.27
C8 EPE D . -3.06 7.10 14.58
O8 EPE D . -2.03 6.79 15.55
C9 EPE D . 1.60 4.23 11.94
C10 EPE D . 3.05 4.60 12.18
S EPE D . 4.01 3.35 12.70
O1S EPE D . 5.27 4.18 12.81
O2S EPE D . 4.31 2.19 11.83
O3S EPE D . 3.37 2.93 13.94
N1 EPE E . 8.23 7.52 -14.15
C2 EPE E . 9.10 6.50 -14.81
C3 EPE E . 8.38 5.34 -15.53
N4 EPE E . 7.28 4.82 -14.71
C5 EPE E . 6.37 5.94 -14.48
C6 EPE E . 7.08 6.85 -13.51
C7 EPE E . 6.54 3.70 -15.32
C8 EPE E . 5.95 2.80 -14.23
O8 EPE E . 4.61 3.15 -13.84
C9 EPE E . 8.94 8.39 -13.14
C10 EPE E . 8.30 9.79 -12.99
S EPE E . 8.54 10.67 -11.56
O1S EPE E . 8.96 12.04 -11.87
O2S EPE E . 9.54 10.10 -10.63
O3S EPE E . 7.27 10.84 -10.84
N1 EPE F . 6.04 7.06 -7.68
C2 EPE F . 5.55 6.62 -8.98
C3 EPE F . 6.55 6.57 -10.10
N4 EPE F . 7.74 5.91 -9.62
C5 EPE F . 8.28 6.89 -8.65
C6 EPE F . 7.26 7.82 -8.02
C7 EPE F . 7.54 4.48 -9.13
C8 EPE F . 8.74 3.53 -9.05
O8 EPE F . 8.31 2.12 -9.20
C9 EPE F . 4.96 7.75 -6.93
C10 EPE F . 5.35 8.77 -5.91
S EPE F . 5.49 10.29 -6.64
O1S EPE F . 6.73 10.56 -7.43
O2S EPE F . 5.66 11.34 -5.65
O3S EPE F . 4.22 10.53 -7.35
N1 EPE G . 3.65 3.44 17.99
C2 EPE G . 2.52 4.37 18.28
C3 EPE G . 1.18 3.63 18.50
N4 EPE G . 0.73 3.00 17.23
C5 EPE G . 1.90 2.53 16.47
C6 EPE G . 3.15 2.22 17.30
C7 EPE G . -0.26 1.93 17.41
C8 EPE G . -0.92 1.59 16.05
O8 EPE G . -0.58 0.33 15.44
C9 EPE G . 4.88 4.09 17.41
C10 EPE G . 5.82 3.27 16.49
S EPE G . 7.42 3.81 16.56
O1S EPE G . 7.64 5.21 16.18
O2S EPE G . 8.26 2.96 15.70
O3S EPE G . 7.87 3.65 17.96
NI NI H . -6.56 -30.86 8.71
S SO4 I . 0.55 -13.79 16.35
O1 SO4 I . 1.71 -13.65 15.42
O2 SO4 I . 0.39 -12.52 17.14
O3 SO4 I . -0.70 -14.05 15.56
O4 SO4 I . 0.73 -14.96 17.27
MG MG J . 22.25 4.05 -15.74
#